data_3QW9
#
_entry.id   3QW9
#
_cell.length_a   53.527
_cell.length_b   63.574
_cell.length_c   107.217
_cell.angle_alpha   90.000
_cell.angle_beta   90.000
_cell.angle_gamma   90.000
#
_symmetry.space_group_name_H-M   'P 21 21 21'
#
loop_
_entity.id
_entity.type
_entity.pdbx_description
1 polymer 'Transforming growth factor beta receptor type 3'
2 branched beta-D-mannopyranose-(1-4)-2-acetamido-2-deoxy-beta-D-glucopyranose-(1-4)-[alpha-L-fucopyranose-(1-3)][alpha-L-fucopyranose-(1-6)]2-acetamido-2-deoxy-beta-D-glucopyranose
3 branched alpha-D-mannopyranose-(1-3)-[alpha-D-mannopyranose-(1-6)]beta-D-mannopyranose-(1-4)-2-acetamido-2-deoxy-beta-D-glucopyranose-(1-4)-[alpha-L-fucopyranose-(1-3)][alpha-L-fucopyranose-(1-6)]2-acetamido-2-deoxy-beta-D-glucopyranose
4 water water
#
_entity_poly.entity_id   1
_entity_poly.type   'polypeptide(L)'
_entity_poly.pdbx_seq_one_letter_code
;PNSNATFNMELYNTDLFLVPSPGVFSVAENEHVYVEVSVTKADQDLGFAIQTCFLSPYSNPDRMSDYTIIENICPKDDSV
KFYSSKRVHFPIPHAEVDKKRFSFLFKSVFNTSLLFLHCELTLCSRKKGSLKLPRCVTPDDACTSLDATMIWTMMQNKKT
FTKPLAVVLQVDYKEN
;
_entity_poly.pdbx_strand_id   A,B
#
# COMPACT_ATOMS: atom_id res chain seq x y z
N PRO A 1 -12.23 -2.08 -22.47
CA PRO A 1 -12.30 -2.13 -21.00
C PRO A 1 -10.91 -1.93 -20.36
N ASN A 2 -10.80 -1.00 -19.44
CA ASN A 2 -9.52 -0.69 -18.78
C ASN A 2 -9.59 -1.20 -17.35
N SER A 3 -8.86 -2.27 -17.02
CA SER A 3 -8.92 -2.74 -15.66
C SER A 3 -7.66 -2.36 -14.91
N ASN A 4 -6.87 -1.43 -15.45
CA ASN A 4 -5.79 -0.83 -14.64
C ASN A 4 -6.36 -0.18 -13.40
N ALA A 5 -5.72 -0.41 -12.26
CA ALA A 5 -6.22 0.11 -10.98
C ALA A 5 -5.13 0.00 -9.97
N THR A 6 -5.08 0.95 -9.07
CA THR A 6 -4.15 0.88 -7.93
C THR A 6 -4.94 1.03 -6.64
N PHE A 7 -4.47 0.43 -5.57
CA PHE A 7 -5.19 0.45 -4.29
C PHE A 7 -4.43 1.13 -3.22
N ASN A 8 -5.12 1.66 -2.22
CA ASN A 8 -4.44 2.23 -1.03
C ASN A 8 -5.25 1.83 0.19
N MET A 9 -4.59 1.75 1.32
CA MET A 9 -5.21 1.54 2.58
C MET A 9 -4.64 2.52 3.58
N GLU A 10 -5.52 3.20 4.30
CA GLU A 10 -5.10 4.23 5.21
C GLU A 10 -5.96 4.17 6.44
N LEU A 11 -5.36 4.42 7.61
CA LEU A 11 -6.09 4.49 8.84
C LEU A 11 -6.24 5.98 9.21
N TYR A 12 -7.31 6.27 9.93
CA TYR A 12 -7.69 7.64 10.26
C TYR A 12 -8.14 7.69 11.69
N ASN A 13 -8.28 8.93 12.18
CA ASN A 13 -8.57 9.19 13.58
C ASN A 13 -10.04 9.08 13.97
N THR A 14 -10.97 9.60 13.16
CA THR A 14 -12.38 9.46 13.51
C THR A 14 -13.19 9.08 12.33
N ASP A 15 -14.50 8.87 12.53
CA ASP A 15 -15.42 8.65 11.42
C ASP A 15 -15.54 9.77 10.36
N LEU A 16 -14.71 10.82 10.48
CA LEU A 16 -14.65 11.92 9.53
C LEU A 16 -13.54 11.71 8.50
N PHE A 17 -12.59 10.82 8.78
CA PHE A 17 -11.61 10.48 7.77
C PHE A 17 -10.89 11.71 7.27
N LEU A 18 -10.58 12.61 8.20
CA LEU A 18 -9.91 13.86 7.89
C LEU A 18 -8.39 13.77 8.07
N VAL A 19 -7.93 13.25 9.20
CA VAL A 19 -6.49 13.27 9.52
C VAL A 19 -5.85 11.88 9.49
N PRO A 20 -4.97 11.66 8.52
CA PRO A 20 -4.25 10.38 8.52
C PRO A 20 -3.46 10.18 9.79
N SER A 21 -3.28 8.92 10.14
CA SER A 21 -2.84 8.58 11.44
C SER A 21 -1.34 8.43 11.29
N PRO A 22 -0.58 8.52 12.42
CA PRO A 22 0.86 8.35 12.32
C PRO A 22 1.16 6.95 11.86
N GLY A 23 2.44 6.70 11.59
CA GLY A 23 2.91 5.44 11.02
C GLY A 23 2.55 4.19 11.83
N VAL A 24 2.42 4.31 13.14
CA VAL A 24 1.95 3.21 13.95
C VAL A 24 0.69 3.71 14.62
N PHE A 25 -0.38 2.96 14.47
CA PHE A 25 -1.68 3.35 14.97
C PHE A 25 -1.94 2.75 16.35
N SER A 26 -2.20 3.58 17.33
CA SER A 26 -2.43 3.09 18.70
C SER A 26 -3.83 2.56 18.91
N VAL A 27 -3.94 1.37 19.48
CA VAL A 27 -5.24 0.77 19.75
C VAL A 27 -5.33 0.38 21.19
N ALA A 28 -6.56 0.30 21.68
CA ALA A 28 -6.85 -0.30 22.98
C ALA A 28 -8.28 -0.85 22.98
N GLU A 29 -8.51 -1.69 23.96
CA GLU A 29 -9.76 -2.37 24.16
C GLU A 29 -10.95 -1.44 24.07
N ASN A 30 -11.90 -1.79 23.20
CA ASN A 30 -13.19 -1.07 23.13
C ASN A 30 -12.97 0.26 22.40
N GLU A 31 -11.80 0.47 21.79
CA GLU A 31 -11.54 1.70 21.03
C GLU A 31 -11.68 1.39 19.54
N HIS A 32 -11.94 2.43 18.75
CA HIS A 32 -12.19 2.27 17.30
C HIS A 32 -10.97 2.30 16.42
N VAL A 33 -11.09 1.58 15.33
CA VAL A 33 -10.13 1.68 14.25
C VAL A 33 -11.02 2.07 13.00
N TYR A 34 -10.63 3.16 12.38
CA TYR A 34 -11.25 3.72 11.20
C TYR A 34 -10.35 3.42 9.98
N VAL A 35 -10.92 2.71 9.00
CA VAL A 35 -10.11 2.32 7.83
C VAL A 35 -10.75 2.76 6.53
N GLU A 36 -9.90 3.36 5.71
CA GLU A 36 -10.29 3.79 4.39
C GLU A 36 -9.44 3.04 3.40
N VAL A 37 -10.11 2.44 2.42
CA VAL A 37 -9.42 1.70 1.38
C VAL A 37 -9.86 2.37 0.11
N SER A 38 -8.96 2.51 -0.84
CA SER A 38 -9.34 3.25 -2.05
C SER A 38 -8.90 2.53 -3.29
N VAL A 39 -9.63 2.75 -4.39
CA VAL A 39 -9.16 2.37 -5.70
C VAL A 39 -9.09 3.61 -6.58
N THR A 40 -8.02 3.70 -7.35
CA THR A 40 -7.85 4.66 -8.43
C THR A 40 -7.86 3.90 -9.78
N LYS A 41 -8.66 4.35 -10.71
CA LYS A 41 -8.99 3.53 -11.90
C LYS A 41 -9.51 4.45 -12.97
N ALA A 42 -9.74 3.89 -14.15
CA ALA A 42 -10.27 4.70 -15.24
C ALA A 42 -11.36 3.94 -16.00
N ASP A 43 -12.30 3.35 -15.28
CA ASP A 43 -13.43 2.66 -15.87
C ASP A 43 -14.54 2.69 -14.83
N GLN A 44 -15.66 3.33 -15.19
CA GLN A 44 -16.78 3.48 -14.32
C GLN A 44 -17.41 2.13 -13.99
N ASP A 45 -17.25 1.14 -14.87
CA ASP A 45 -17.79 -0.19 -14.64
C ASP A 45 -16.97 -1.06 -13.71
N LEU A 46 -15.75 -0.63 -13.38
CA LEU A 46 -14.88 -1.37 -12.48
C LEU A 46 -15.16 -0.93 -11.03
N GLY A 47 -15.26 -1.90 -10.11
CA GLY A 47 -15.46 -1.61 -8.69
C GLY A 47 -14.46 -2.47 -7.94
N PHE A 48 -14.48 -2.40 -6.62
CA PHE A 48 -13.68 -3.27 -5.78
C PHE A 48 -14.47 -3.59 -4.54
N ALA A 49 -14.02 -4.65 -3.89
CA ALA A 49 -14.53 -5.15 -2.64
C ALA A 49 -13.35 -5.37 -1.68
N ILE A 50 -13.66 -5.16 -0.42
CA ILE A 50 -12.88 -5.67 0.70
C ILE A 50 -13.23 -7.13 0.94
N GLN A 51 -12.39 -8.01 0.44
CA GLN A 51 -12.64 -9.41 0.49
C GLN A 51 -12.47 -9.96 1.92
N THR A 52 -11.35 -9.63 2.54
CA THR A 52 -11.06 -10.19 3.85
C THR A 52 -10.18 -9.18 4.63
N CYS A 53 -10.39 -9.11 5.93
CA CYS A 53 -9.54 -8.35 6.83
C CYS A 53 -9.45 -9.11 8.13
N PHE A 54 -8.26 -9.14 8.67
CA PHE A 54 -7.98 -9.81 9.92
C PHE A 54 -6.81 -9.15 10.60
N LEU A 55 -6.72 -9.37 11.91
CA LEU A 55 -5.61 -8.87 12.71
C LEU A 55 -4.78 -10.04 13.18
N SER A 56 -3.45 -9.85 13.26
CA SER A 56 -2.63 -10.84 13.85
C SER A 56 -1.33 -10.21 14.37
N PRO A 57 -0.57 -10.96 15.14
CA PRO A 57 0.75 -10.54 15.61
C PRO A 57 1.87 -10.68 14.57
N TYR A 58 1.53 -10.98 13.31
CA TYR A 58 2.55 -11.20 12.29
C TYR A 58 2.29 -10.29 11.11
N SER A 59 3.36 -9.63 10.65
CA SER A 59 3.33 -8.83 9.44
C SER A 59 3.09 -9.65 8.20
N ASN A 60 3.52 -10.91 8.19
CA ASN A 60 3.23 -11.85 7.09
C ASN A 60 1.70 -12.24 7.02
N PRO A 61 1.00 -11.80 5.97
CA PRO A 61 -0.42 -12.06 5.93
C PRO A 61 -0.74 -13.55 5.68
N ASP A 62 0.27 -14.36 5.32
CA ASP A 62 0.11 -15.81 5.16
C ASP A 62 -0.21 -16.50 6.44
N ARG A 63 0.18 -15.93 7.59
CA ARG A 63 -0.08 -16.64 8.85
C ARG A 63 -1.48 -16.31 9.28
N MET A 64 -2.36 -17.29 9.39
CA MET A 64 -3.76 -16.92 9.66
C MET A 64 -3.95 -16.73 11.17
N SER A 65 -5.07 -16.13 11.50
CA SER A 65 -5.34 -15.69 12.82
C SER A 65 -6.81 -16.03 12.95
N ASP A 66 -7.27 -16.25 14.16
CA ASP A 66 -8.68 -16.39 14.41
C ASP A 66 -9.37 -15.01 14.57
N TYR A 67 -8.64 -13.92 14.58
CA TYR A 67 -9.29 -12.60 14.69
C TYR A 67 -9.63 -12.03 13.32
N THR A 68 -10.76 -12.47 12.78
CA THR A 68 -11.15 -12.13 11.44
C THR A 68 -12.27 -11.15 11.53
N ILE A 69 -12.20 -10.07 10.80
CA ILE A 69 -13.29 -9.11 10.94
C ILE A 69 -14.21 -9.03 9.70
N ILE A 70 -13.63 -9.21 8.50
CA ILE A 70 -14.38 -9.31 7.27
C ILE A 70 -13.90 -10.59 6.58
N GLU A 71 -14.84 -11.43 6.13
CA GLU A 71 -14.48 -12.64 5.43
C GLU A 71 -15.39 -12.85 4.23
N ASN A 72 -14.81 -13.00 3.02
CA ASN A 72 -15.64 -13.20 1.79
C ASN A 72 -16.67 -12.06 1.66
N ILE A 73 -16.17 -10.85 1.95
CA ILE A 73 -16.91 -9.57 1.83
C ILE A 73 -17.83 -9.29 3.04
N CYS A 74 -18.25 -10.31 3.74
CA CYS A 74 -19.22 -10.20 4.84
C CYS A 74 -18.50 -9.86 6.14
N PRO A 75 -18.99 -8.84 6.80
CA PRO A 75 -18.49 -8.54 8.16
C PRO A 75 -18.77 -9.68 9.15
N LYS A 76 -17.74 -10.34 9.65
CA LYS A 76 -17.88 -11.43 10.61
C LYS A 76 -17.91 -10.83 12.06
N ASP A 77 -17.32 -9.67 12.26
CA ASP A 77 -17.31 -9.05 13.57
C ASP A 77 -18.51 -8.11 13.67
N ASP A 78 -19.32 -8.25 14.73
CA ASP A 78 -20.51 -7.44 14.97
C ASP A 78 -20.24 -5.95 15.08
N SER A 79 -19.00 -5.59 15.39
CA SER A 79 -18.65 -4.18 15.54
C SER A 79 -18.41 -3.49 14.22
N VAL A 80 -18.31 -4.26 13.12
CA VAL A 80 -17.94 -3.62 11.87
C VAL A 80 -19.12 -2.78 11.42
N LYS A 81 -18.79 -1.55 11.01
CA LYS A 81 -19.70 -0.57 10.53
C LYS A 81 -19.07 0.06 9.27
N PHE A 82 -19.87 0.10 8.21
CA PHE A 82 -19.49 0.80 6.98
C PHE A 82 -20.06 2.23 6.89
N TYR A 83 -19.31 3.15 6.32
CA TYR A 83 -19.79 4.50 6.12
C TYR A 83 -19.96 4.80 4.66
N SER A 84 -20.66 5.91 4.38
CA SER A 84 -20.78 6.45 3.03
C SER A 84 -19.44 6.38 2.28
N SER A 85 -19.46 5.79 1.10
CA SER A 85 -18.31 5.77 0.22
C SER A 85 -18.14 7.17 -0.37
N LYS A 86 -16.92 7.53 -0.77
CA LYS A 86 -16.68 8.75 -1.57
C LYS A 86 -16.13 8.40 -2.94
N ARG A 87 -16.53 9.17 -3.93
CA ARG A 87 -16.13 9.00 -5.34
C ARG A 87 -15.68 10.34 -5.88
N VAL A 88 -14.40 10.43 -6.23
CA VAL A 88 -13.88 11.65 -6.79
C VAL A 88 -13.58 11.41 -8.28
N HIS A 89 -14.08 12.29 -9.12
CA HIS A 89 -13.86 12.16 -10.53
C HIS A 89 -12.89 13.22 -11.10
N PHE A 90 -11.98 12.81 -11.94
CA PHE A 90 -11.00 13.68 -12.54
C PHE A 90 -11.17 13.69 -14.06
N PRO A 91 -11.85 14.72 -14.60
CA PRO A 91 -12.25 14.59 -16.00
C PRO A 91 -11.13 14.71 -17.01
N ILE A 92 -10.05 15.40 -16.64
CA ILE A 92 -9.00 15.60 -17.60
C ILE A 92 -8.39 14.23 -18.03
N PRO A 93 -7.92 13.42 -17.09
CA PRO A 93 -7.32 12.13 -17.58
C PRO A 93 -8.30 11.00 -17.58
N HIS A 94 -9.56 11.33 -17.30
CA HIS A 94 -10.70 10.38 -17.18
C HIS A 94 -10.50 9.33 -16.13
N ALA A 95 -10.25 9.76 -14.89
CA ALA A 95 -9.93 8.82 -13.80
C ALA A 95 -10.78 9.14 -12.61
N GLU A 96 -10.90 8.15 -11.72
CA GLU A 96 -11.70 8.28 -10.57
C GLU A 96 -11.03 7.59 -9.40
N VAL A 97 -11.34 8.09 -8.21
CA VAL A 97 -10.87 7.52 -6.98
C VAL A 97 -12.10 7.21 -6.16
N ASP A 98 -12.29 5.94 -5.85
CA ASP A 98 -13.43 5.49 -5.06
C ASP A 98 -12.89 4.98 -3.72
N LYS A 99 -13.50 5.48 -2.67
CA LYS A 99 -13.06 5.16 -1.31
C LYS A 99 -14.18 4.50 -0.55
N LYS A 100 -13.81 3.44 0.14
CA LYS A 100 -14.70 2.69 0.97
C LYS A 100 -14.16 2.91 2.37
N ARG A 101 -15.06 2.97 3.35
CA ARG A 101 -14.71 3.42 4.69
C ARG A 101 -15.43 2.57 5.71
N PHE A 102 -14.69 2.12 6.72
CA PHE A 102 -15.34 1.33 7.74
C PHE A 102 -14.59 1.42 9.06
N SER A 103 -15.25 0.95 10.12
CA SER A 103 -14.63 0.98 11.42
C SER A 103 -14.91 -0.34 12.09
N PHE A 104 -14.05 -0.67 13.05
CA PHE A 104 -14.38 -1.72 13.98
C PHE A 104 -13.95 -1.31 15.40
N LEU A 105 -14.34 -2.10 16.37
CA LEU A 105 -13.93 -1.85 17.77
C LEU A 105 -12.89 -2.90 18.09
N PHE A 106 -11.69 -2.47 18.47
CA PHE A 106 -10.61 -3.38 18.84
C PHE A 106 -10.89 -4.21 20.08
N LYS A 107 -10.62 -5.49 19.95
CA LYS A 107 -10.55 -6.34 21.10
C LYS A 107 -9.16 -6.92 21.26
N SER A 108 -8.73 -6.94 22.50
CA SER A 108 -7.37 -7.29 22.80
C SER A 108 -7.33 -8.76 23.15
N VAL A 109 -6.98 -9.60 22.17
CA VAL A 109 -6.96 -11.06 22.32
C VAL A 109 -5.58 -11.67 22.09
N PHE A 110 -4.57 -10.85 21.89
CA PHE A 110 -3.22 -11.34 21.70
C PHE A 110 -2.41 -10.82 22.87
N ASN A 111 -1.19 -11.23 23.01
CA ASN A 111 -0.42 -10.72 24.16
C ASN A 111 0.89 -10.11 23.66
N THR A 112 0.76 -9.44 22.50
CA THR A 112 1.85 -8.75 21.84
C THR A 112 1.54 -7.26 21.64
N SER A 113 2.56 -6.42 21.78
CA SER A 113 2.30 -4.99 21.74
C SER A 113 2.27 -4.42 20.32
N LEU A 114 2.75 -5.19 19.36
CA LEU A 114 2.72 -4.75 17.98
C LEU A 114 1.84 -5.77 17.27
N LEU A 115 0.80 -5.28 16.65
CA LEU A 115 -0.09 -6.12 15.80
C LEU A 115 -0.17 -5.57 14.41
N PHE A 116 -0.79 -6.36 13.53
CA PHE A 116 -1.01 -6.00 12.14
C PHE A 116 -2.37 -6.24 11.61
N LEU A 117 -2.93 -5.25 10.93
CA LEU A 117 -4.25 -5.34 10.31
C LEU A 117 -4.01 -5.63 8.83
N HIS A 118 -4.50 -6.78 8.38
CA HIS A 118 -4.28 -7.22 6.99
C HIS A 118 -5.64 -7.14 6.29
N CYS A 119 -5.70 -6.53 5.09
CA CYS A 119 -6.91 -6.51 4.27
C CYS A 119 -6.51 -6.89 2.86
N GLU A 120 -7.37 -7.68 2.27
CA GLU A 120 -7.23 -8.16 0.92
C GLU A 120 -8.34 -7.50 0.12
N LEU A 121 -7.96 -6.79 -0.95
CA LEU A 121 -8.90 -6.13 -1.86
C LEU A 121 -8.96 -6.88 -3.18
N THR A 122 -10.14 -6.94 -3.81
CA THR A 122 -10.31 -7.60 -5.13
C THR A 122 -11.17 -6.69 -6.05
N LEU A 123 -10.97 -6.82 -7.35
CA LEU A 123 -11.68 -6.01 -8.35
C LEU A 123 -12.96 -6.76 -8.67
N CYS A 124 -13.96 -6.02 -9.10
CA CYS A 124 -15.23 -6.58 -9.48
C CYS A 124 -15.86 -5.70 -10.52
N SER A 125 -16.95 -6.21 -11.10
CA SER A 125 -17.63 -5.56 -12.15
C SER A 125 -18.98 -5.01 -11.66
N ARG A 126 -19.21 -3.74 -11.98
CA ARG A 126 -20.43 -3.02 -11.56
C ARG A 126 -21.64 -3.30 -12.42
N LYS A 127 -21.39 -3.88 -13.59
CA LYS A 127 -22.40 -4.09 -14.59
C LYS A 127 -22.07 -5.37 -15.37
N LYS A 128 -23.02 -6.27 -15.57
CA LYS A 128 -22.67 -7.46 -16.34
C LYS A 128 -22.26 -7.04 -17.75
N GLY A 129 -21.13 -7.55 -18.22
CA GLY A 129 -20.47 -6.96 -19.40
C GLY A 129 -19.01 -7.33 -19.54
N SER A 130 -18.25 -6.46 -20.22
CA SER A 130 -16.88 -6.78 -20.72
C SER A 130 -15.81 -7.16 -19.68
N LEU A 131 -16.01 -6.81 -18.42
CA LEU A 131 -15.05 -7.16 -17.37
C LEU A 131 -15.24 -8.64 -16.92
N LYS A 132 -14.20 -9.46 -17.14
CA LYS A 132 -14.12 -10.85 -16.70
C LYS A 132 -13.69 -10.84 -15.24
N LEU A 133 -14.63 -10.43 -14.43
CA LEU A 133 -14.44 -10.24 -13.02
C LEU A 133 -15.75 -10.65 -12.43
N PRO A 134 -15.75 -11.08 -11.17
CA PRO A 134 -17.04 -11.28 -10.59
C PRO A 134 -17.87 -9.99 -10.42
N ARG A 135 -19.18 -10.12 -10.25
CA ARG A 135 -20.04 -8.96 -9.96
C ARG A 135 -19.75 -8.40 -8.55
N CYS A 136 -19.83 -7.07 -8.41
CA CYS A 136 -19.72 -6.42 -7.12
C CYS A 136 -20.93 -6.82 -6.25
N VAL A 137 -20.68 -7.06 -4.99
CA VAL A 137 -21.75 -7.28 -4.06
C VAL A 137 -21.49 -6.46 -2.80
N THR A 138 -22.56 -5.97 -2.17
CA THR A 138 -22.40 -5.15 -0.97
C THR A 138 -22.09 -6.04 0.23
N PRO A 139 -21.48 -5.49 1.29
CA PRO A 139 -21.25 -6.31 2.47
C PRO A 139 -22.48 -6.99 3.07
N ASP A 140 -23.59 -6.29 3.14
CA ASP A 140 -24.83 -6.85 3.68
C ASP A 140 -25.36 -7.95 2.77
N ASP A 141 -25.32 -7.74 1.46
CA ASP A 141 -25.67 -8.80 0.52
C ASP A 141 -24.79 -10.02 0.59
N ALA A 142 -23.51 -9.81 0.87
CA ALA A 142 -22.57 -10.89 1.04
C ALA A 142 -22.86 -11.67 2.29
N CYS A 143 -23.47 -11.03 3.28
CA CYS A 143 -23.77 -11.70 4.53
C CYS A 143 -24.99 -12.53 4.44
N THR A 144 -25.92 -12.15 3.59
CA THR A 144 -27.20 -12.82 3.53
C THR A 144 -27.20 -13.81 2.37
N SER A 145 -26.25 -13.68 1.45
CA SER A 145 -26.34 -14.49 0.20
C SER A 145 -26.04 -15.96 0.50
N LEU A 146 -26.87 -16.86 0.00
CA LEU A 146 -26.52 -18.28 -0.01
C LEU A 146 -25.94 -18.70 -1.38
N ASP A 147 -25.39 -17.76 -2.13
CA ASP A 147 -24.74 -18.03 -3.44
C ASP A 147 -23.24 -18.28 -3.21
N ALA A 148 -22.86 -19.57 -3.25
CA ALA A 148 -21.49 -20.04 -2.94
C ALA A 148 -20.42 -19.62 -3.95
N THR A 149 -20.85 -19.26 -5.16
CA THR A 149 -19.94 -18.98 -6.20
C THR A 149 -20.08 -17.58 -6.78
N MET A 150 -20.80 -16.73 -6.07
CA MET A 150 -20.81 -15.26 -6.25
C MET A 150 -19.42 -14.66 -6.37
N ILE A 151 -18.56 -15.02 -5.43
CA ILE A 151 -17.26 -14.51 -5.27
C ILE A 151 -16.30 -15.53 -5.87
N TRP A 152 -15.48 -15.07 -6.77
CA TRP A 152 -14.40 -15.87 -7.29
C TRP A 152 -13.27 -15.01 -7.70
N THR A 153 -12.10 -15.63 -7.85
CA THR A 153 -10.93 -14.99 -8.47
C THR A 153 -10.39 -15.79 -9.65
N MET A 154 -9.76 -15.12 -10.62
CA MET A 154 -8.87 -15.82 -11.57
C MET A 154 -7.41 -15.46 -11.27
N MET A 155 -7.11 -14.88 -10.11
CA MET A 155 -5.82 -14.20 -9.95
C MET A 155 -4.67 -15.06 -9.41
N GLN A 156 -4.93 -15.87 -8.39
CA GLN A 156 -3.89 -16.71 -7.77
C GLN A 156 -2.80 -15.93 -6.99
N ASN A 157 -2.54 -14.66 -7.36
CA ASN A 157 -1.84 -13.69 -6.47
C ASN A 157 -2.60 -12.34 -6.50
N LYS A 158 -3.24 -11.96 -5.38
CA LYS A 158 -4.09 -10.74 -5.32
C LYS A 158 -3.63 -9.75 -4.22
N LYS A 159 -4.32 -8.61 -4.13
CA LYS A 159 -3.77 -7.42 -3.51
C LYS A 159 -4.02 -7.38 -2.00
N THR A 160 -2.94 -7.39 -1.25
CA THR A 160 -3.07 -7.29 0.21
C THR A 160 -2.29 -6.12 0.74
N PHE A 161 -2.87 -5.46 1.75
CA PHE A 161 -2.23 -4.36 2.49
C PHE A 161 -2.24 -4.64 3.97
N THR A 162 -1.18 -4.18 4.64
CA THR A 162 -0.95 -4.43 6.04
C THR A 162 -0.56 -3.12 6.75
N LYS A 163 -1.21 -2.81 7.87
CA LYS A 163 -0.95 -1.62 8.67
C LYS A 163 -0.60 -1.99 10.11
N PRO A 164 0.51 -1.44 10.64
CA PRO A 164 0.91 -1.74 11.99
C PRO A 164 0.12 -1.01 13.07
N LEU A 165 -0.10 -1.72 14.18
CA LEU A 165 -0.88 -1.25 15.35
C LEU A 165 -0.05 -1.48 16.56
N ALA A 166 -0.15 -0.54 17.49
CA ALA A 166 0.48 -0.68 18.80
C ALA A 166 -0.59 -0.80 19.84
N VAL A 167 -0.51 -1.82 20.67
CA VAL A 167 -1.51 -2.04 21.69
C VAL A 167 -1.00 -1.42 22.98
N VAL A 168 -1.68 -0.37 23.40
CA VAL A 168 -1.16 0.61 24.36
C VAL A 168 -0.97 -0.01 25.73
N LEU A 169 -1.92 -0.87 26.11
CA LEU A 169 -1.64 -1.96 27.04
C LEU A 169 -1.55 -1.55 28.51
N GLN A 170 -1.31 -0.25 28.77
CA GLN A 170 -1.08 0.27 30.12
C GLN A 170 -1.69 1.65 30.32
N PRO B 1 15.78 -12.68 16.18
CA PRO B 1 15.56 -11.24 15.90
C PRO B 1 14.14 -11.02 15.31
N ASN B 2 13.50 -9.90 15.62
CA ASN B 2 12.20 -9.52 15.05
C ASN B 2 12.29 -8.89 13.66
N SER B 3 11.95 -9.68 12.65
CA SER B 3 11.95 -9.15 11.31
C SER B 3 10.54 -8.86 10.79
N ASN B 4 9.54 -8.80 11.68
CA ASN B 4 8.26 -8.24 11.30
C ASN B 4 8.42 -6.80 10.79
N ALA B 5 7.86 -6.53 9.62
CA ALA B 5 7.98 -5.18 8.96
C ALA B 5 6.84 -4.94 8.04
N THR B 6 6.42 -3.68 7.89
CA THR B 6 5.47 -3.29 6.86
C THR B 6 5.99 -2.10 6.11
N PHE B 7 5.56 -1.96 4.87
CA PHE B 7 6.17 -1.00 3.99
C PHE B 7 5.08 -0.05 3.55
N ASN B 8 5.49 1.12 3.09
CA ASN B 8 4.57 2.13 2.61
C ASN B 8 5.28 2.92 1.52
N MET B 9 4.51 3.44 0.61
CA MET B 9 5.03 4.33 -0.42
C MET B 9 4.01 5.46 -0.55
N GLU B 10 4.49 6.72 -0.61
CA GLU B 10 3.61 7.85 -0.81
C GLU B 10 4.30 8.89 -1.70
N LEU B 11 3.50 9.61 -2.48
CA LEU B 11 3.97 10.77 -3.25
C LEU B 11 3.65 12.05 -2.49
N TYR B 12 4.54 13.03 -2.58
CA TYR B 12 4.47 14.26 -1.79
C TYR B 12 4.56 15.50 -2.69
N ASN B 13 4.02 16.63 -2.22
CA ASN B 13 3.93 17.85 -3.06
C ASN B 13 5.27 18.53 -3.30
N THR B 14 6.18 18.40 -2.32
CA THR B 14 7.49 19.03 -2.40
C THR B 14 8.53 18.17 -1.73
N ASP B 15 9.80 18.59 -1.80
CA ASP B 15 10.88 17.86 -1.15
C ASP B 15 11.07 18.10 0.34
N LEU B 16 10.15 18.81 0.97
CA LEU B 16 10.09 18.72 2.43
C LEU B 16 9.25 17.55 2.86
N PHE B 17 8.48 16.95 1.96
CA PHE B 17 7.71 15.74 2.28
C PHE B 17 6.88 16.02 3.53
N LEU B 18 6.26 17.19 3.56
CA LEU B 18 5.42 17.60 4.66
C LEU B 18 3.98 17.21 4.38
N VAL B 19 3.53 17.30 3.13
CA VAL B 19 2.11 17.09 2.79
C VAL B 19 1.94 16.07 1.67
N PRO B 20 1.26 14.91 1.96
CA PRO B 20 1.04 13.91 0.89
C PRO B 20 0.16 14.45 -0.19
N SER B 21 0.39 14.04 -1.42
CA SER B 21 -0.44 14.53 -2.51
C SER B 21 -1.82 13.92 -2.40
N PRO B 22 -2.88 14.76 -2.50
CA PRO B 22 -4.21 14.20 -2.78
C PRO B 22 -4.42 14.39 -4.28
N GLY B 23 -5.47 13.89 -4.90
CA GLY B 23 -5.96 12.54 -4.71
C GLY B 23 -5.11 11.73 -5.69
N VAL B 24 -4.95 12.21 -6.94
CA VAL B 24 -4.00 11.59 -7.90
C VAL B 24 -2.96 12.64 -8.24
N PHE B 25 -1.71 12.24 -8.23
CA PHE B 25 -0.65 13.18 -8.47
C PHE B 25 -0.53 13.51 -9.96
N SER B 26 -0.62 14.80 -10.27
CA SER B 26 -0.41 15.28 -11.61
C SER B 26 1.05 15.53 -11.86
N VAL B 27 1.49 15.22 -13.08
CA VAL B 27 2.91 15.54 -13.44
C VAL B 27 2.99 15.95 -14.91
N ALA B 28 4.01 16.75 -15.25
CA ALA B 28 4.30 17.17 -16.58
C ALA B 28 5.82 17.04 -16.75
N GLU B 29 6.25 16.99 -17.97
CA GLU B 29 7.63 17.08 -18.33
C GLU B 29 8.37 18.22 -17.58
N ASN B 30 9.51 17.84 -16.99
CA ASN B 30 10.33 18.75 -16.23
C ASN B 30 9.69 19.27 -14.96
N GLU B 31 8.76 18.49 -14.39
CA GLU B 31 8.35 18.65 -13.00
C GLU B 31 8.85 17.44 -12.20
N HIS B 32 9.10 17.68 -10.94
CA HIS B 32 9.66 16.69 -10.04
C HIS B 32 8.54 15.83 -9.48
N VAL B 33 8.90 14.58 -9.17
CA VAL B 33 8.02 13.64 -8.48
C VAL B 33 8.80 13.40 -7.20
N TYR B 34 8.12 13.47 -6.06
CA TYR B 34 8.75 13.36 -4.77
C TYR B 34 8.29 12.08 -4.08
N VAL B 35 9.20 11.15 -3.81
CA VAL B 35 8.76 9.82 -3.45
C VAL B 35 9.26 9.53 -2.04
N GLU B 36 8.34 9.12 -1.16
CA GLU B 36 8.74 8.66 0.19
C GLU B 36 8.34 7.20 0.31
N VAL B 37 9.30 6.36 0.65
CA VAL B 37 9.03 4.96 0.96
C VAL B 37 9.52 4.72 2.36
N SER B 38 8.86 3.82 3.05
CA SER B 38 9.21 3.56 4.43
C SER B 38 9.03 2.10 4.83
N VAL B 39 9.76 1.70 5.85
CA VAL B 39 9.54 0.43 6.51
C VAL B 39 9.23 0.75 7.99
N THR B 40 8.23 0.10 8.57
CA THR B 40 7.93 0.17 10.01
C THR B 40 8.30 -1.15 10.65
N LYS B 41 9.10 -1.07 11.69
CA LYS B 41 9.78 -2.21 12.23
C LYS B 41 10.06 -1.96 13.72
N ALA B 42 10.46 -3.00 14.40
CA ALA B 42 10.85 -2.94 15.79
C ALA B 42 12.11 -3.70 15.93
N ASP B 43 13.10 -3.39 15.09
CA ASP B 43 14.47 -3.91 15.22
C ASP B 43 15.42 -2.93 14.54
N GLN B 44 16.37 -2.43 15.28
CA GLN B 44 17.38 -1.48 14.80
C GLN B 44 18.39 -2.03 13.80
N ASP B 45 18.64 -3.34 13.85
CA ASP B 45 19.54 -3.99 12.89
C ASP B 45 18.83 -4.19 11.54
N LEU B 46 17.52 -4.04 11.54
CA LEU B 46 16.74 -4.25 10.31
C LEU B 46 16.60 -2.95 9.48
N GLY B 47 17.01 -3.01 8.20
CA GLY B 47 16.99 -1.88 7.31
C GLY B 47 16.18 -2.23 6.06
N PHE B 48 16.10 -1.32 5.11
CA PHE B 48 15.51 -1.70 3.83
C PHE B 48 16.21 -1.02 2.66
N ALA B 49 15.93 -1.55 1.47
CA ALA B 49 16.45 -1.02 0.21
C ALA B 49 15.33 -0.79 -0.80
N ILE B 50 15.47 0.26 -1.59
CA ILE B 50 14.66 0.47 -2.79
C ILE B 50 15.33 -0.27 -3.94
N GLN B 51 14.86 -1.48 -4.20
CA GLN B 51 15.48 -2.32 -5.18
C GLN B 51 15.33 -1.78 -6.60
N THR B 52 14.14 -1.32 -6.91
CA THR B 52 13.77 -1.01 -8.30
C THR B 52 12.65 -0.02 -8.33
N CYS B 53 12.71 0.99 -9.20
CA CYS B 53 11.53 1.84 -9.42
C CYS B 53 11.46 2.09 -10.87
N PHE B 54 10.24 2.07 -11.42
CA PHE B 54 10.07 2.34 -12.81
C PHE B 54 8.68 2.80 -13.05
N LEU B 55 8.52 3.53 -14.13
CA LEU B 55 7.18 3.98 -14.54
C LEU B 55 6.66 3.17 -15.73
N SER B 56 5.34 2.97 -15.80
CA SER B 56 4.72 2.44 -17.01
C SER B 56 3.27 2.81 -17.13
N PRO B 57 2.70 2.62 -18.33
CA PRO B 57 1.25 2.77 -18.55
C PRO B 57 0.36 1.64 -17.96
N TYR B 58 0.96 0.73 -17.18
CA TYR B 58 0.29 -0.48 -16.69
C TYR B 58 0.33 -0.53 -15.18
N SER B 59 -0.82 -0.73 -14.55
CA SER B 59 -0.86 -0.91 -13.09
C SER B 59 -0.16 -2.17 -12.63
N ASN B 60 -0.13 -3.18 -13.49
CA ASN B 60 0.49 -4.46 -13.17
C ASN B 60 2.03 -4.27 -13.24
N PRO B 61 2.73 -4.36 -12.09
CA PRO B 61 4.20 -4.15 -12.19
C PRO B 61 4.97 -5.24 -12.91
N ASP B 62 4.35 -6.37 -13.24
CA ASP B 62 5.04 -7.45 -13.99
CA ASP B 62 5.03 -7.45 -13.98
C ASP B 62 5.25 -7.04 -15.44
N ARG B 63 4.51 -6.02 -15.93
CA ARG B 63 4.68 -5.62 -17.35
C ARG B 63 5.94 -4.77 -17.49
N MET B 64 6.65 -5.01 -18.57
CA MET B 64 8.00 -4.42 -18.79
C MET B 64 7.94 -2.96 -19.17
N SER B 65 8.92 -2.17 -18.71
CA SER B 65 9.09 -0.75 -19.13
C SER B 65 10.51 -0.46 -19.40
N ASP B 66 10.81 0.44 -20.34
CA ASP B 66 12.20 0.97 -20.42
C ASP B 66 12.36 2.32 -19.63
N TYR B 67 11.27 2.80 -18.99
CA TYR B 67 11.39 4.01 -18.15
C TYR B 67 11.76 3.62 -16.74
N THR B 68 13.02 3.27 -16.58
CA THR B 68 13.57 2.83 -15.31
C THR B 68 14.19 4.00 -14.59
N ILE B 69 13.94 4.05 -13.28
CA ILE B 69 14.46 5.08 -12.39
C ILE B 69 15.55 4.49 -11.51
N ILE B 70 15.24 3.37 -10.83
CA ILE B 70 16.18 2.68 -10.00
C ILE B 70 16.21 1.21 -10.40
N GLU B 71 17.39 0.58 -10.41
CA GLU B 71 17.47 -0.84 -10.75
C GLU B 71 18.61 -1.51 -9.98
N ASN B 72 18.34 -2.64 -9.35
CA ASN B 72 19.32 -3.23 -8.40
C ASN B 72 19.91 -2.14 -7.46
N ILE B 73 19.04 -1.33 -6.87
CA ILE B 73 19.39 -0.30 -5.83
C ILE B 73 20.12 0.94 -6.38
N CYS B 74 20.79 0.77 -7.52
CA CYS B 74 21.45 1.88 -8.20
C CYS B 74 20.47 2.75 -9.03
N PRO B 75 20.51 4.09 -8.83
CA PRO B 75 19.76 5.02 -9.70
C PRO B 75 20.21 4.87 -11.15
N LYS B 76 19.27 4.61 -12.03
CA LYS B 76 19.51 4.41 -13.47
C LYS B 76 19.12 5.72 -14.20
N ASP B 77 18.06 6.39 -13.74
CA ASP B 77 17.74 7.72 -14.30
C ASP B 77 18.64 8.84 -13.72
N ASP B 78 19.16 9.66 -14.60
CA ASP B 78 20.15 10.66 -14.28
C ASP B 78 19.61 11.82 -13.39
N SER B 79 18.31 11.93 -13.23
CA SER B 79 17.72 13.01 -12.45
C SER B 79 17.42 12.61 -11.03
N VAL B 80 17.71 11.36 -10.68
CA VAL B 80 17.28 10.85 -9.34
C VAL B 80 18.11 11.56 -8.30
N LYS B 81 17.45 12.18 -7.32
CA LYS B 81 18.16 12.79 -6.23
C LYS B 81 17.64 12.25 -4.86
N PHE B 82 18.55 11.92 -3.97
CA PHE B 82 18.18 11.48 -2.62
C PHE B 82 18.12 12.62 -1.64
N TYR B 83 17.25 12.46 -0.68
CA TYR B 83 17.17 13.39 0.39
C TYR B 83 17.53 12.63 1.65
N SER B 84 17.72 13.33 2.77
CA SER B 84 17.97 12.59 3.97
C SER B 84 16.77 11.67 4.34
N SER B 85 17.15 10.53 4.90
CA SER B 85 16.22 9.58 5.47
C SER B 85 15.77 10.20 6.77
N LYS B 86 14.62 9.76 7.23
CA LYS B 86 14.01 10.24 8.50
C LYS B 86 13.44 9.07 9.30
N ARG B 87 13.82 8.95 10.55
CA ARG B 87 13.39 7.87 11.40
C ARG B 87 12.46 8.49 12.38
N VAL B 88 11.22 8.04 12.40
CA VAL B 88 10.25 8.44 13.44
C VAL B 88 10.11 7.33 14.46
N HIS B 89 10.33 7.68 15.71
CA HIS B 89 10.42 6.69 16.77
C HIS B 89 9.17 6.68 17.59
N PHE B 90 8.71 5.46 17.89
CA PHE B 90 7.57 5.22 18.80
C PHE B 90 8.15 4.44 19.97
N PRO B 91 8.77 5.15 20.94
CA PRO B 91 9.54 4.45 22.02
C PRO B 91 8.74 3.51 22.93
N ILE B 92 7.41 3.61 22.96
CA ILE B 92 6.66 2.76 23.90
C ILE B 92 6.60 1.31 23.39
N PRO B 93 6.25 1.09 22.10
CA PRO B 93 6.39 -0.23 21.51
C PRO B 93 7.75 -0.48 20.89
N HIS B 94 8.69 0.44 21.15
CA HIS B 94 10.02 0.44 20.54
C HIS B 94 9.91 0.19 19.05
N ALA B 95 9.02 0.94 18.40
CA ALA B 95 8.91 0.82 16.98
C ALA B 95 9.45 2.06 16.31
N GLU B 96 9.76 1.92 15.04
CA GLU B 96 10.16 3.04 14.27
C GLU B 96 9.72 2.90 12.87
N VAL B 97 9.42 4.05 12.27
CA VAL B 97 9.12 4.19 10.87
C VAL B 97 10.36 4.78 10.20
N ASP B 98 11.01 4.00 9.34
CA ASP B 98 12.20 4.54 8.67
C ASP B 98 11.88 4.95 7.26
N LYS B 99 12.09 6.23 6.95
CA LYS B 99 11.63 6.79 5.69
C LYS B 99 12.80 7.11 4.81
N LYS B 100 12.74 6.72 3.52
CA LYS B 100 13.70 7.09 2.52
C LYS B 100 12.96 7.97 1.58
N ARG B 101 13.67 8.95 1.04
CA ARG B 101 13.07 10.03 0.32
C ARG B 101 13.94 10.30 -0.92
N PHE B 102 13.30 10.42 -2.08
CA PHE B 102 13.98 10.84 -3.30
C PHE B 102 13.10 11.52 -4.26
N SER B 103 13.68 12.11 -5.29
CA SER B 103 12.88 12.71 -6.36
C SER B 103 13.49 12.37 -7.68
N PHE B 104 12.71 12.53 -8.74
CA PHE B 104 13.24 12.50 -10.10
C PHE B 104 12.47 13.56 -10.87
N LEU B 105 13.02 13.94 -11.99
CA LEU B 105 12.41 14.92 -12.89
C LEU B 105 11.76 14.16 -14.01
N PHE B 106 10.44 14.32 -14.13
CA PHE B 106 9.64 13.57 -15.06
C PHE B 106 10.01 13.85 -16.51
N LYS B 107 10.19 12.77 -17.26
CA LYS B 107 10.48 12.76 -18.67
C LYS B 107 9.25 12.35 -19.49
N SER B 108 9.07 12.95 -20.68
CA SER B 108 8.01 12.58 -21.62
C SER B 108 8.39 11.36 -22.44
N VAL B 109 8.22 10.18 -21.86
CA VAL B 109 8.52 8.92 -22.52
C VAL B 109 7.24 8.34 -23.05
N PHE B 110 6.17 8.41 -22.28
CA PHE B 110 4.90 7.79 -22.67
C PHE B 110 3.90 8.86 -23.15
N ASN B 111 2.78 8.40 -23.70
CA ASN B 111 1.70 9.24 -24.15
C ASN B 111 0.34 8.69 -23.68
N THR B 112 0.18 8.43 -22.37
CA THR B 112 -1.10 7.97 -21.86
C THR B 112 -1.45 8.88 -20.70
N SER B 113 -2.74 9.13 -20.53
CA SER B 113 -3.27 9.98 -19.47
C SER B 113 -2.95 9.55 -18.08
N LEU B 114 -2.80 8.25 -17.86
CA LEU B 114 -2.47 7.75 -16.57
C LEU B 114 -1.25 6.88 -16.69
N LEU B 115 -0.31 7.05 -15.78
CA LEU B 115 0.88 6.24 -15.66
C LEU B 115 0.95 5.74 -14.21
N PHE B 116 1.81 4.75 -14.01
CA PHE B 116 2.01 4.12 -12.74
C PHE B 116 3.49 4.07 -12.39
N LEU B 117 3.82 4.51 -11.17
CA LEU B 117 5.16 4.43 -10.64
C LEU B 117 5.18 3.26 -9.72
N HIS B 118 6.06 2.32 -10.02
CA HIS B 118 6.13 1.07 -9.27
C HIS B 118 7.47 1.04 -8.58
N CYS B 119 7.46 0.77 -7.28
CA CYS B 119 8.71 0.59 -6.53
C CYS B 119 8.70 -0.72 -5.76
N GLU B 120 9.78 -1.49 -5.89
CA GLU B 120 9.93 -2.70 -5.12
C GLU B 120 10.90 -2.44 -3.93
N LEU B 121 10.45 -2.75 -2.71
CA LEU B 121 11.20 -2.54 -1.48
C LEU B 121 11.58 -3.92 -0.90
N THR B 122 12.80 -4.08 -0.38
CA THR B 122 13.25 -5.35 0.22
C THR B 122 13.98 -5.07 1.55
N LEU B 123 13.89 -6.03 2.47
CA LEU B 123 14.52 -5.96 3.78
C LEU B 123 15.95 -6.33 3.72
N CYS B 124 16.75 -5.69 4.55
CA CYS B 124 18.15 -6.06 4.61
C CYS B 124 18.65 -5.94 6.03
N SER B 125 19.84 -6.44 6.26
CA SER B 125 20.46 -6.39 7.56
C SER B 125 21.47 -5.23 7.69
N ARG B 126 21.37 -4.45 8.77
CA ARG B 126 22.36 -3.38 9.01
C ARG B 126 23.65 -3.86 9.69
N LYS B 127 23.74 -5.14 10.02
CA LYS B 127 24.79 -5.61 10.92
C LYS B 127 24.93 -7.13 10.80
N LYS B 128 26.09 -7.58 10.30
CA LYS B 128 26.40 -9.01 10.21
C LYS B 128 26.15 -9.67 11.55
N GLY B 129 25.04 -10.39 11.68
CA GLY B 129 24.68 -11.06 12.94
C GLY B 129 23.53 -12.05 12.77
N SER B 130 22.80 -12.31 13.85
CA SER B 130 21.72 -13.30 13.84
C SER B 130 20.49 -12.93 13.02
N LEU B 131 20.54 -11.82 12.27
CA LEU B 131 19.51 -11.49 11.27
C LEU B 131 19.88 -12.07 9.89
N LYS B 132 18.98 -12.89 9.32
CA LYS B 132 19.26 -13.65 8.08
C LYS B 132 18.68 -13.01 6.81
N LEU B 133 19.49 -12.14 6.22
CA LEU B 133 19.07 -11.21 5.20
C LEU B 133 20.32 -10.66 4.54
N PRO B 134 20.23 -10.20 3.29
CA PRO B 134 21.41 -9.53 2.76
C PRO B 134 21.77 -8.21 3.47
N ARG B 135 23.05 -7.84 3.45
CA ARG B 135 23.48 -6.60 4.07
C ARG B 135 22.94 -5.39 3.28
N CYS B 136 22.54 -4.35 4.01
CA CYS B 136 22.06 -3.14 3.37
C CYS B 136 23.23 -2.56 2.60
N VAL B 137 22.98 -2.10 1.38
CA VAL B 137 24.01 -1.46 0.57
C VAL B 137 23.42 -0.13 0.08
N THR B 138 24.20 0.93 0.21
CA THR B 138 23.73 2.27 -0.17
C THR B 138 23.56 2.34 -1.69
N PRO B 139 22.73 3.27 -2.18
CA PRO B 139 22.59 3.48 -3.61
C PRO B 139 23.91 3.76 -4.37
N ASP B 140 24.81 4.55 -3.79
CA ASP B 140 26.11 4.83 -4.41
C ASP B 140 26.99 3.58 -4.50
N ASP B 141 26.97 2.79 -3.44
CA ASP B 141 27.68 1.51 -3.41
C ASP B 141 27.09 0.46 -4.33
N ALA B 142 25.78 0.55 -4.60
CA ALA B 142 25.16 -0.35 -5.56
C ALA B 142 25.68 -0.04 -6.95
N CYS B 143 25.74 1.24 -7.28
CA CYS B 143 26.18 1.67 -8.60
C CYS B 143 27.63 1.29 -8.88
N THR B 144 28.46 1.26 -7.85
CA THR B 144 29.81 0.80 -8.00
C THR B 144 29.88 -0.70 -7.71
N SER B 145 28.83 -1.45 -8.08
CA SER B 145 28.80 -2.91 -7.94
C SER B 145 27.50 -3.51 -8.50
N MET B 150 23.70 -10.30 -6.30
CA MET B 150 22.33 -9.80 -6.36
C MET B 150 21.30 -10.80 -5.81
N ILE B 151 21.32 -10.95 -4.48
CA ILE B 151 20.59 -12.04 -3.79
C ILE B 151 19.06 -11.94 -3.82
N TRP B 152 18.43 -13.10 -3.80
CA TRP B 152 16.99 -13.23 -3.83
C TRP B 152 16.37 -13.05 -2.45
N THR B 153 15.51 -12.03 -2.32
CA THR B 153 14.82 -11.77 -1.06
C THR B 153 13.42 -12.41 -1.15
N MET B 154 13.07 -13.10 -0.06
CA MET B 154 11.89 -13.97 -0.01
C MET B 154 10.62 -13.11 0.05
N MET B 155 9.51 -13.67 -0.41
CA MET B 155 8.30 -12.89 -0.68
C MET B 155 7.82 -12.06 0.51
N GLN B 156 7.91 -12.60 1.73
CA GLN B 156 7.41 -11.85 2.91
C GLN B 156 8.34 -10.70 3.33
N ASN B 157 9.51 -10.64 2.68
CA ASN B 157 10.49 -9.64 2.98
C ASN B 157 10.60 -8.56 1.92
N LYS B 158 9.64 -8.52 1.02
CA LYS B 158 9.66 -7.53 -0.05
C LYS B 158 8.27 -7.20 -0.46
N LYS B 159 8.06 -6.05 -1.06
CA LYS B 159 6.73 -5.72 -1.53
C LYS B 159 6.85 -4.72 -2.64
N THR B 160 5.98 -4.81 -3.63
CA THR B 160 5.98 -3.80 -4.65
C THR B 160 4.79 -2.92 -4.40
N PHE B 161 4.99 -1.61 -4.54
CA PHE B 161 3.90 -0.65 -4.47
C PHE B 161 3.82 0.12 -5.73
N THR B 162 2.62 0.58 -6.07
CA THR B 162 2.34 1.21 -7.34
C THR B 162 1.51 2.45 -6.99
N LYS B 163 1.90 3.62 -7.52
CA LYS B 163 1.08 4.85 -7.36
C LYS B 163 0.72 5.42 -8.68
N PRO B 164 -0.49 5.92 -8.81
CA PRO B 164 -0.94 6.43 -10.06
C PRO B 164 -0.48 7.90 -10.26
N LEU B 165 -0.30 8.27 -11.52
CA LEU B 165 0.06 9.62 -11.91
C LEU B 165 -0.77 10.04 -13.05
N ALA B 166 -1.17 11.31 -13.11
CA ALA B 166 -1.95 11.83 -14.27
C ALA B 166 -1.13 12.80 -15.03
N VAL B 167 -1.25 12.73 -16.36
CA VAL B 167 -0.53 13.60 -17.25
C VAL B 167 -1.51 14.21 -18.27
N VAL B 168 -1.43 15.53 -18.42
CA VAL B 168 -2.04 16.25 -19.55
C VAL B 168 -1.32 15.93 -20.88
N LEU B 169 -2.05 15.33 -21.79
CA LEU B 169 -1.51 14.96 -23.12
C LEU B 169 -1.42 16.15 -24.10
N GLN B 170 -0.25 16.27 -24.74
CA GLN B 170 0.12 17.32 -25.70
C GLN B 170 -0.23 16.94 -27.13
#